data_1U83
#
_entry.id   1U83
#
_cell.length_a   92.071
_cell.length_b   92.071
_cell.length_c   92.071
_cell.angle_alpha   90.00
_cell.angle_beta   90.00
_cell.angle_gamma   90.00
#
_symmetry.space_group_name_H-M   'P 21 3'
#
loop_
_entity.id
_entity.type
_entity.pdbx_description
1 polymer 'Phosphosulfolactate synthase'
2 non-polymer 'PHOSPHATE ION'
3 non-polymer GLYCEROL
4 water water
#
_entity_poly.entity_id   1
_entity_poly.type   'polypeptide(L)'
_entity_poly.pdbx_seq_one_letter_code
;(MSE)GSSHHHHHHSSGRENLYFQGH(MSE)NDFSLELPVRTNKPRETGQSILIDNGYPLQFFKDAIAGASDYIDFVKFG
WGTSLLTKDLEEKISTLKEHDITFFFGGTLFEKYVSQKKVNEFHRYCTYFGCEYIEISNGTLP(MSE)TNKEKAAYIADF
SDEFLVLSEVGSKDAELASRQSSEEWLEYIVED(MSE)EAGAEKVITEARESGTGGICSSSGDVRFQIVDDIISSDIDIN
RLIFEAPNKTLQQGFIQKIGPNVNLANIPFHDAIALETLRLGLRSDTFFLGS
;
_entity_poly.pdbx_strand_id   A
#
loop_
_chem_comp.id
_chem_comp.type
_chem_comp.name
_chem_comp.formula
GOL non-polymer GLYCEROL 'C3 H8 O3'
PO4 non-polymer 'PHOSPHATE ION' 'O4 P -3'
#
# COMPACT_ATOMS: atom_id res chain seq x y z
N ASP A 25 34.01 5.57 6.46
CA ASP A 25 33.83 6.73 7.39
C ASP A 25 33.29 6.16 8.69
N PHE A 26 31.99 5.86 8.67
CA PHE A 26 31.27 5.28 9.80
C PHE A 26 30.50 4.11 9.19
N SER A 27 30.95 3.73 8.00
CA SER A 27 30.36 2.66 7.20
C SER A 27 30.15 1.33 7.91
N LEU A 28 29.11 0.63 7.48
CA LEU A 28 28.76 -0.68 8.03
C LEU A 28 28.31 -1.59 6.90
N GLU A 29 28.37 -2.90 7.12
CA GLU A 29 27.91 -3.87 6.13
C GLU A 29 26.42 -4.05 6.43
N LEU A 30 25.58 -3.68 5.48
CA LEU A 30 24.14 -3.78 5.67
C LEU A 30 23.42 -4.39 4.47
N PRO A 31 22.21 -4.92 4.68
CA PRO A 31 21.45 -5.53 3.59
C PRO A 31 21.29 -4.55 2.43
N VAL A 32 21.38 -5.07 1.21
CA VAL A 32 21.22 -4.22 0.03
C VAL A 32 19.74 -3.88 -0.11
N ARG A 33 19.47 -2.59 -0.28
CA ARG A 33 18.12 -2.08 -0.41
C ARG A 33 17.89 -1.55 -1.81
N THR A 34 16.65 -1.61 -2.27
CA THR A 34 16.30 -1.07 -3.58
C THR A 34 16.25 0.45 -3.43
N ASN A 35 16.48 1.16 -4.53
CA ASN A 35 16.44 2.62 -4.51
C ASN A 35 15.26 3.11 -5.32
N LYS A 36 14.88 4.37 -5.11
CA LYS A 36 13.77 4.95 -5.84
C LYS A 36 14.16 5.12 -7.30
N PRO A 37 13.21 4.88 -8.23
CA PRO A 37 11.83 4.45 -7.92
C PRO A 37 11.82 2.98 -7.58
N ARG A 38 11.23 2.63 -6.44
CA ARG A 38 11.18 1.24 -6.00
C ARG A 38 10.03 0.41 -6.59
N GLU A 39 10.39 -0.72 -7.19
CA GLU A 39 9.38 -1.61 -7.74
C GLU A 39 9.22 -2.77 -6.77
N THR A 40 10.16 -2.85 -5.83
CA THR A 40 10.12 -3.88 -4.79
C THR A 40 10.72 -3.25 -3.53
N GLY A 41 10.49 -3.84 -2.37
CA GLY A 41 11.00 -3.26 -1.14
C GLY A 41 10.30 -1.94 -0.88
N GLN A 42 9.04 -1.85 -1.31
CA GLN A 42 8.26 -0.63 -1.15
C GLN A 42 7.67 -0.48 0.24
N SER A 43 7.48 0.78 0.64
CA SER A 43 6.90 1.08 1.93
C SER A 43 5.73 2.02 1.70
N ILE A 44 4.54 1.58 2.09
CA ILE A 44 3.34 2.40 1.93
C ILE A 44 2.90 2.88 3.30
N LEU A 45 2.99 4.19 3.53
CA LEU A 45 2.58 4.78 4.80
C LEU A 45 1.11 5.17 4.73
N ILE A 46 0.44 5.16 5.87
CA ILE A 46 -0.96 5.55 5.89
C ILE A 46 -1.18 6.87 6.61
N ASP A 47 -1.89 7.78 5.96
CA ASP A 47 -2.22 9.08 6.51
C ASP A 47 -3.66 9.01 7.01
N ASN A 48 -3.85 9.09 8.32
CA ASN A 48 -5.18 9.02 8.92
C ASN A 48 -5.80 10.40 9.16
N GLY A 49 -5.21 11.42 8.55
CA GLY A 49 -5.70 12.78 8.71
C GLY A 49 -4.72 13.70 9.42
N TYR A 50 -3.43 13.56 9.13
CA TYR A 50 -2.42 14.40 9.75
C TYR A 50 -2.50 15.85 9.31
N PRO A 51 -2.24 16.78 10.24
CA PRO A 51 -2.28 18.20 9.84
C PRO A 51 -1.17 18.48 8.83
N LEU A 52 -1.40 19.46 7.96
CA LEU A 52 -0.46 19.79 6.89
C LEU A 52 1.02 19.98 7.23
N GLN A 53 1.32 20.87 8.17
CA GLN A 53 2.72 21.12 8.51
C GLN A 53 3.45 19.89 9.05
N PHE A 54 2.79 19.13 9.90
CA PHE A 54 3.40 17.92 10.44
C PHE A 54 3.63 16.96 9.28
N PHE A 55 2.65 16.89 8.38
CA PHE A 55 2.73 16.04 7.19
C PHE A 55 3.97 16.39 6.36
N LYS A 56 4.14 17.66 6.05
CA LYS A 56 5.29 18.11 5.26
C LYS A 56 6.60 17.81 5.97
N ASP A 57 6.62 18.07 7.26
CA ASP A 57 7.80 17.85 8.09
C ASP A 57 8.19 16.37 8.07
N ALA A 58 7.20 15.49 8.24
CA ALA A 58 7.45 14.05 8.24
C ALA A 58 7.96 13.54 6.88
N ILE A 59 7.34 14.00 5.81
CA ILE A 59 7.74 13.60 4.47
C ILE A 59 9.16 14.08 4.16
N ALA A 60 9.45 15.33 4.53
CA ALA A 60 10.77 15.90 4.27
C ALA A 60 11.85 15.12 4.99
N GLY A 61 11.59 14.75 6.23
CA GLY A 61 12.59 14.04 7.00
C GLY A 61 12.85 12.60 6.63
N ALA A 62 11.92 11.94 5.93
CA ALA A 62 12.14 10.54 5.62
C ALA A 62 11.78 10.10 4.21
N SER A 63 11.64 11.07 3.30
CA SER A 63 11.23 10.78 1.93
C SER A 63 11.95 9.65 1.21
N ASP A 64 13.26 9.53 1.39
CA ASP A 64 14.00 8.46 0.72
C ASP A 64 13.48 7.07 1.05
N TYR A 65 12.83 6.94 2.20
CA TYR A 65 12.31 5.63 2.62
C TYR A 65 10.80 5.46 2.47
N ILE A 66 10.17 6.44 1.83
CA ILE A 66 8.72 6.40 1.63
C ILE A 66 8.42 6.33 0.14
N ASP A 67 7.70 5.30 -0.27
CA ASP A 67 7.38 5.14 -1.69
C ASP A 67 5.95 5.51 -2.05
N PHE A 68 5.03 5.24 -1.11
CA PHE A 68 3.61 5.55 -1.30
C PHE A 68 3.04 6.08 0.00
N VAL A 69 1.99 6.89 -0.11
CA VAL A 69 1.28 7.39 1.04
C VAL A 69 -0.19 7.18 0.69
N LYS A 70 -0.88 6.41 1.52
CA LYS A 70 -2.29 6.17 1.30
C LYS A 70 -3.12 7.08 2.19
N PHE A 71 -4.04 7.84 1.60
CA PHE A 71 -4.91 8.69 2.38
C PHE A 71 -6.02 7.73 2.84
N GLY A 72 -5.93 7.31 4.10
CA GLY A 72 -6.86 6.37 4.67
C GLY A 72 -8.34 6.52 4.36
N TRP A 73 -8.97 5.39 4.08
CA TRP A 73 -10.40 5.31 3.77
C TRP A 73 -10.97 6.61 3.16
N GLY A 74 -11.95 7.23 3.81
CA GLY A 74 -12.52 8.44 3.26
C GLY A 74 -11.99 9.76 3.83
N THR A 75 -10.85 9.71 4.49
CA THR A 75 -10.26 10.92 5.08
C THR A 75 -9.96 12.03 4.07
N SER A 76 -9.60 11.67 2.84
CA SER A 76 -9.29 12.68 1.84
C SER A 76 -10.45 13.64 1.60
N LEU A 77 -11.67 13.14 1.73
CA LEU A 77 -12.86 13.98 1.52
C LEU A 77 -12.97 15.11 2.55
N LEU A 78 -12.44 14.88 3.74
CA LEU A 78 -12.50 15.88 4.80
C LEU A 78 -11.19 16.63 4.96
N THR A 79 -10.28 16.43 4.02
CA THR A 79 -8.97 17.08 4.07
C THR A 79 -8.96 18.36 3.25
N LYS A 80 -8.95 19.50 3.93
CA LYS A 80 -8.97 20.78 3.25
C LYS A 80 -7.67 21.14 2.51
N ASP A 81 -6.55 20.54 2.94
CA ASP A 81 -5.27 20.81 2.30
C ASP A 81 -4.79 19.63 1.46
N LEU A 82 -5.72 18.87 0.91
CA LEU A 82 -5.36 17.70 0.11
C LEU A 82 -4.40 18.06 -1.02
N GLU A 83 -4.73 19.12 -1.75
CA GLU A 83 -3.89 19.57 -2.87
C GLU A 83 -2.44 19.80 -2.44
N GLU A 84 -2.24 20.46 -1.30
CA GLU A 84 -0.89 20.73 -0.83
C GLU A 84 -0.18 19.45 -0.41
N LYS A 85 -0.92 18.52 0.19
CA LYS A 85 -0.32 17.26 0.60
C LYS A 85 0.19 16.51 -0.63
N ILE A 86 -0.66 16.42 -1.66
CA ILE A 86 -0.30 15.74 -2.89
C ILE A 86 0.89 16.41 -3.57
N SER A 87 0.91 17.74 -3.59
CA SER A 87 2.01 18.47 -4.19
C SER A 87 3.33 18.16 -3.46
N THR A 88 3.28 18.10 -2.13
CA THR A 88 4.46 17.80 -1.33
C THR A 88 4.98 16.40 -1.64
N LEU A 89 4.06 15.46 -1.85
CA LEU A 89 4.43 14.09 -2.15
C LEU A 89 5.11 13.97 -3.52
N LYS A 90 4.49 14.56 -4.54
CA LYS A 90 5.05 14.51 -5.90
C LYS A 90 6.44 15.14 -5.89
N GLU A 91 6.58 16.22 -5.14
CA GLU A 91 7.82 16.94 -5.01
C GLU A 91 8.94 16.10 -4.37
N HIS A 92 8.56 15.10 -3.58
CA HIS A 92 9.54 14.25 -2.92
C HIS A 92 9.54 12.84 -3.51
N ASP A 93 9.04 12.73 -4.73
CA ASP A 93 8.97 11.46 -5.45
C ASP A 93 8.27 10.36 -4.67
N ILE A 94 7.04 10.64 -4.26
CA ILE A 94 6.22 9.69 -3.52
C ILE A 94 4.85 9.58 -4.19
N THR A 95 4.41 8.36 -4.43
CA THR A 95 3.11 8.12 -5.05
C THR A 95 2.01 8.12 -3.98
N PHE A 96 0.79 8.42 -4.41
CA PHE A 96 -0.31 8.47 -3.47
C PHE A 96 -1.55 7.81 -4.06
N PHE A 97 -2.47 7.47 -3.18
CA PHE A 97 -3.74 6.89 -3.58
C PHE A 97 -4.69 6.98 -2.40
N PHE A 98 -5.98 6.85 -2.69
CA PHE A 98 -7.00 6.92 -1.67
C PHE A 98 -7.36 5.51 -1.23
N GLY A 99 -7.72 5.37 0.04
CA GLY A 99 -8.09 4.06 0.56
C GLY A 99 -9.18 3.41 -0.28
N GLY A 100 -9.14 2.08 -0.36
CA GLY A 100 -10.12 1.35 -1.14
C GLY A 100 -11.55 1.50 -0.63
N THR A 101 -11.69 1.90 0.63
CA THR A 101 -13.01 2.08 1.20
C THR A 101 -13.71 3.24 0.51
N LEU A 102 -12.91 4.19 0.01
CA LEU A 102 -13.50 5.34 -0.68
C LEU A 102 -14.13 4.84 -1.98
N PHE A 103 -13.41 3.98 -2.69
CA PHE A 103 -13.91 3.39 -3.92
C PHE A 103 -15.22 2.66 -3.61
N GLU A 104 -15.21 1.84 -2.59
CA GLU A 104 -16.39 1.07 -2.20
C GLU A 104 -17.55 1.97 -1.82
N LYS A 105 -17.26 3.09 -1.18
CA LYS A 105 -18.31 4.03 -0.79
C LYS A 105 -19.03 4.53 -2.01
N TYR A 106 -18.29 4.96 -3.03
CA TYR A 106 -18.92 5.45 -4.25
C TYR A 106 -19.66 4.33 -4.98
N VAL A 107 -19.12 3.12 -4.94
CA VAL A 107 -19.77 2.00 -5.59
C VAL A 107 -21.12 1.72 -4.91
N SER A 108 -21.12 1.76 -3.58
CA SER A 108 -22.33 1.51 -2.79
C SER A 108 -23.45 2.47 -3.15
N GLN A 109 -23.10 3.64 -3.67
CA GLN A 109 -24.11 4.63 -4.03
C GLN A 109 -24.22 4.81 -5.54
N LYS A 110 -23.73 3.83 -6.30
CA LYS A 110 -23.78 3.85 -7.76
C LYS A 110 -23.19 5.13 -8.36
N LYS A 111 -22.07 5.56 -7.81
CA LYS A 111 -21.42 6.77 -8.29
C LYS A 111 -19.97 6.51 -8.65
N VAL A 112 -19.72 5.33 -9.20
CA VAL A 112 -18.37 4.95 -9.59
C VAL A 112 -17.73 5.98 -10.51
N ASN A 113 -18.53 6.61 -11.37
CA ASN A 113 -17.97 7.62 -12.27
C ASN A 113 -17.45 8.84 -11.52
N GLU A 114 -18.07 9.17 -10.39
CA GLU A 114 -17.61 10.31 -9.61
C GLU A 114 -16.25 9.95 -9.02
N PHE A 115 -16.13 8.71 -8.55
CA PHE A 115 -14.87 8.24 -7.99
C PHE A 115 -13.80 8.37 -9.06
N HIS A 116 -14.13 7.93 -10.27
CA HIS A 116 -13.20 8.01 -11.39
C HIS A 116 -12.79 9.46 -11.61
N ARG A 117 -13.77 10.36 -11.70
CA ARG A 117 -13.46 11.77 -11.92
C ARG A 117 -12.68 12.38 -10.74
N TYR A 118 -12.88 11.81 -9.56
CA TYR A 118 -12.20 12.28 -8.36
C TYR A 118 -10.72 11.92 -8.43
N CYS A 119 -10.43 10.68 -8.76
CA CYS A 119 -9.04 10.22 -8.86
C CYS A 119 -8.31 10.90 -10.00
N THR A 120 -9.02 11.13 -11.10
CA THR A 120 -8.44 11.77 -12.25
C THR A 120 -8.17 13.25 -11.95
N TYR A 121 -9.10 13.89 -11.26
CA TYR A 121 -8.94 15.30 -10.90
C TYR A 121 -7.65 15.53 -10.11
N PHE A 122 -7.41 14.71 -9.09
CA PHE A 122 -6.21 14.87 -8.27
C PHE A 122 -4.95 14.31 -8.93
N GLY A 123 -5.08 13.85 -10.17
CA GLY A 123 -3.94 13.31 -10.89
C GLY A 123 -3.38 12.00 -10.37
N CYS A 124 -4.25 11.09 -9.95
CA CYS A 124 -3.81 9.79 -9.45
C CYS A 124 -3.18 8.94 -10.53
N GLU A 125 -2.10 8.25 -10.16
CA GLU A 125 -1.41 7.34 -11.07
C GLU A 125 -1.85 5.95 -10.61
N TYR A 126 -2.01 5.82 -9.31
CA TYR A 126 -2.44 4.57 -8.68
C TYR A 126 -3.81 4.78 -8.01
N ILE A 127 -4.53 3.69 -7.80
CA ILE A 127 -5.81 3.72 -7.10
C ILE A 127 -5.96 2.38 -6.45
N GLU A 128 -6.69 2.32 -5.35
CA GLU A 128 -6.90 1.05 -4.67
C GLU A 128 -8.34 0.57 -4.88
N ILE A 129 -8.47 -0.71 -5.16
CA ILE A 129 -9.79 -1.32 -5.37
C ILE A 129 -9.87 -2.47 -4.38
N SER A 130 -10.93 -2.49 -3.58
CA SER A 130 -11.11 -3.54 -2.59
C SER A 130 -12.58 -3.87 -2.41
N ASN A 131 -12.84 -4.93 -1.64
CA ASN A 131 -14.19 -5.38 -1.35
C ASN A 131 -14.23 -5.82 0.10
N GLY A 132 -13.52 -5.09 0.95
CA GLY A 132 -13.47 -5.42 2.36
C GLY A 132 -14.70 -5.05 3.17
N THR A 133 -15.54 -4.17 2.65
CA THR A 133 -16.73 -3.76 3.39
C THR A 133 -18.00 -4.03 2.60
N LEU A 134 -18.06 -3.49 1.40
CA LEU A 134 -19.22 -3.68 0.54
C LEU A 134 -19.32 -5.14 0.11
N PRO A 135 -20.47 -5.80 0.39
CA PRO A 135 -20.64 -7.20 0.00
C PRO A 135 -20.48 -7.30 -1.52
N MSE A 136 -19.37 -7.89 -1.93
CA MSE A 136 -19.05 -8.01 -3.34
C MSE A 136 -18.09 -9.17 -3.49
O MSE A 136 -17.17 -9.33 -2.69
CB MSE A 136 -18.39 -6.70 -3.79
CG MSE A 136 -17.77 -6.69 -5.17
SE MSE A 136 -16.75 -5.05 -5.46
CE MSE A 136 -18.19 -3.81 -5.78
N THR A 137 -18.32 -10.02 -4.49
CA THR A 137 -17.45 -11.16 -4.71
C THR A 137 -16.12 -10.65 -5.27
N ASN A 138 -15.06 -11.43 -5.09
CA ASN A 138 -13.76 -11.03 -5.61
C ASN A 138 -13.89 -10.91 -7.13
N LYS A 139 -14.70 -11.78 -7.72
CA LYS A 139 -14.91 -11.77 -9.16
C LYS A 139 -15.44 -10.41 -9.61
N GLU A 140 -16.43 -9.89 -8.88
CA GLU A 140 -16.99 -8.58 -9.21
C GLU A 140 -15.91 -7.52 -8.99
N LYS A 141 -15.12 -7.71 -7.93
CA LYS A 141 -14.05 -6.77 -7.62
C LYS A 141 -13.04 -6.78 -8.77
N ALA A 142 -12.74 -7.96 -9.27
CA ALA A 142 -11.79 -8.12 -10.36
C ALA A 142 -12.26 -7.39 -11.62
N ALA A 143 -13.56 -7.38 -11.86
CA ALA A 143 -14.11 -6.70 -13.02
C ALA A 143 -13.81 -5.20 -12.91
N TYR A 144 -13.84 -4.68 -11.68
CA TYR A 144 -13.53 -3.26 -11.49
C TYR A 144 -12.04 -3.01 -11.69
N ILE A 145 -11.22 -3.98 -11.30
CA ILE A 145 -9.78 -3.87 -11.48
C ILE A 145 -9.53 -3.74 -12.98
N ALA A 146 -10.15 -4.64 -13.75
CA ALA A 146 -10.02 -4.65 -15.21
C ALA A 146 -10.47 -3.34 -15.82
N ASP A 147 -11.61 -2.81 -15.39
CA ASP A 147 -12.13 -1.55 -15.93
C ASP A 147 -11.21 -0.35 -15.71
N PHE A 148 -10.60 -0.26 -14.53
CA PHE A 148 -9.72 0.86 -14.20
C PHE A 148 -8.26 0.70 -14.64
N SER A 149 -7.83 -0.54 -14.89
CA SER A 149 -6.46 -0.83 -15.28
C SER A 149 -5.97 -0.18 -16.57
N ASP A 150 -6.88 0.25 -17.43
CA ASP A 150 -6.46 0.88 -18.68
C ASP A 150 -6.27 2.38 -18.50
N GLU A 151 -6.46 2.86 -17.27
CA GLU A 151 -6.32 4.28 -16.99
C GLU A 151 -5.46 4.52 -15.74
N PHE A 152 -5.38 3.51 -14.88
CA PHE A 152 -4.61 3.63 -13.65
C PHE A 152 -3.84 2.35 -13.36
N LEU A 153 -2.80 2.47 -12.53
CA LEU A 153 -2.05 1.31 -12.09
C LEU A 153 -2.88 0.94 -10.88
N VAL A 154 -3.41 -0.28 -10.85
CA VAL A 154 -4.27 -0.71 -9.77
C VAL A 154 -3.65 -1.57 -8.67
N LEU A 155 -3.94 -1.19 -7.43
CA LEU A 155 -3.50 -1.93 -6.27
C LEU A 155 -4.79 -2.52 -5.73
N SER A 156 -4.91 -3.83 -5.68
CA SER A 156 -6.12 -4.44 -5.17
C SER A 156 -5.86 -4.96 -3.78
N GLU A 157 -6.91 -5.18 -3.02
CA GLU A 157 -6.75 -5.71 -1.69
C GLU A 157 -7.58 -6.97 -1.53
N VAL A 158 -6.96 -8.00 -0.98
CA VAL A 158 -7.65 -9.26 -0.76
C VAL A 158 -7.95 -9.39 0.72
N GLY A 159 -9.23 -9.55 1.05
CA GLY A 159 -9.62 -9.68 2.43
C GLY A 159 -10.85 -8.83 2.75
N SER A 160 -11.44 -9.09 3.91
CA SER A 160 -12.61 -8.35 4.35
C SER A 160 -12.34 -7.77 5.73
N LYS A 161 -12.99 -6.65 6.03
CA LYS A 161 -12.81 -6.00 7.33
C LYS A 161 -13.62 -6.72 8.41
N ASP A 162 -14.16 -7.89 8.06
CA ASP A 162 -14.95 -8.68 8.99
C ASP A 162 -14.31 -10.04 9.28
N GLN A 169 -15.87 -18.79 6.79
CA GLN A 169 -15.38 -17.65 6.02
C GLN A 169 -14.62 -18.09 4.77
N SER A 170 -13.37 -17.66 4.67
CA SER A 170 -12.56 -18.00 3.52
C SER A 170 -11.28 -18.72 3.91
N SER A 171 -11.04 -19.86 3.24
CA SER A 171 -9.85 -20.68 3.45
C SER A 171 -8.77 -20.12 2.54
N GLU A 172 -8.23 -20.98 1.68
CA GLU A 172 -7.19 -20.57 0.74
C GLU A 172 -7.76 -20.01 -0.56
N GLU A 173 -9.03 -19.63 -0.51
CA GLU A 173 -9.68 -19.02 -1.66
C GLU A 173 -8.86 -17.74 -1.82
N TRP A 174 -8.11 -17.42 -0.76
CA TRP A 174 -7.25 -16.25 -0.70
C TRP A 174 -6.31 -16.25 -1.88
N LEU A 175 -5.60 -17.36 -2.06
CA LEU A 175 -4.68 -17.51 -3.17
C LEU A 175 -5.39 -17.33 -4.49
N GLU A 176 -6.61 -17.83 -4.56
CA GLU A 176 -7.41 -17.74 -5.77
C GLU A 176 -7.73 -16.28 -6.07
N TYR A 177 -8.13 -15.53 -5.03
CA TYR A 177 -8.45 -14.14 -5.22
C TYR A 177 -7.21 -13.35 -5.67
N ILE A 178 -6.05 -13.70 -5.15
CA ILE A 178 -4.82 -13.02 -5.52
C ILE A 178 -4.52 -13.23 -7.00
N VAL A 179 -4.55 -14.49 -7.45
CA VAL A 179 -4.31 -14.81 -8.86
C VAL A 179 -5.34 -14.09 -9.71
N GLU A 180 -6.59 -14.19 -9.29
CA GLU A 180 -7.70 -13.56 -9.98
C GLU A 180 -7.44 -12.07 -10.17
N ASP A 181 -7.03 -11.41 -9.08
CA ASP A 181 -6.73 -9.97 -9.11
C ASP A 181 -5.61 -9.68 -10.10
N MSE A 182 -4.57 -10.50 -10.07
CA MSE A 182 -3.44 -10.32 -10.96
C MSE A 182 -3.86 -10.48 -12.40
O MSE A 182 -3.44 -9.71 -13.27
CB MSE A 182 -2.34 -11.31 -10.60
CG MSE A 182 -1.85 -11.14 -9.17
SE MSE A 182 -0.34 -12.26 -8.75
CE MSE A 182 -1.25 -13.83 -8.14
N GLU A 183 -4.69 -11.49 -12.67
CA GLU A 183 -5.19 -11.72 -14.02
C GLU A 183 -6.03 -10.54 -14.49
N ALA A 184 -6.72 -9.87 -13.56
CA ALA A 184 -7.55 -8.72 -13.89
C ALA A 184 -6.73 -7.47 -14.21
N GLY A 185 -5.45 -7.48 -13.82
CA GLY A 185 -4.61 -6.32 -14.11
C GLY A 185 -4.06 -5.57 -12.92
N ALA A 186 -4.07 -6.18 -11.74
CA ALA A 186 -3.55 -5.51 -10.56
C ALA A 186 -2.03 -5.39 -10.60
N GLU A 187 -1.52 -4.17 -10.48
CA GLU A 187 -0.08 -3.93 -10.47
C GLU A 187 0.51 -4.75 -9.33
N LYS A 188 -0.11 -4.65 -8.17
CA LYS A 188 0.31 -5.42 -6.99
C LYS A 188 -0.93 -5.73 -6.17
N VAL A 189 -0.84 -6.75 -5.33
CA VAL A 189 -1.95 -7.17 -4.48
C VAL A 189 -1.62 -6.97 -3.01
N ILE A 190 -2.50 -6.28 -2.30
CA ILE A 190 -2.31 -6.01 -0.88
C ILE A 190 -3.07 -7.04 -0.04
N THR A 191 -2.38 -7.64 0.93
CA THR A 191 -3.03 -8.63 1.77
C THR A 191 -2.59 -8.53 3.24
N GLU A 192 -3.17 -9.41 4.07
CA GLU A 192 -2.85 -9.45 5.50
C GLU A 192 -2.17 -10.77 5.82
N GLN A 211 2.13 -15.61 10.39
CA GLN A 211 2.11 -15.33 8.96
C GLN A 211 2.45 -16.56 8.12
N ILE A 212 1.45 -17.39 7.87
CA ILE A 212 1.63 -18.60 7.09
C ILE A 212 1.23 -18.40 5.63
N VAL A 213 0.28 -17.50 5.40
CA VAL A 213 -0.17 -17.21 4.04
C VAL A 213 1.05 -16.91 3.19
N ASP A 214 2.13 -16.55 3.86
CA ASP A 214 3.40 -16.23 3.22
C ASP A 214 3.97 -17.49 2.55
N ASP A 215 4.04 -18.58 3.31
CA ASP A 215 4.57 -19.84 2.80
C ASP A 215 3.65 -20.38 1.71
N ILE A 216 2.35 -20.24 1.93
CA ILE A 216 1.36 -20.72 0.97
C ILE A 216 1.57 -19.98 -0.36
N ILE A 217 1.92 -18.71 -0.29
CA ILE A 217 2.15 -17.90 -1.48
C ILE A 217 3.37 -18.42 -2.25
N SER A 218 4.37 -18.90 -1.52
CA SER A 218 5.57 -19.45 -2.14
C SER A 218 5.21 -20.75 -2.86
N SER A 219 4.29 -20.62 -3.81
CA SER A 219 3.82 -21.72 -4.64
C SER A 219 3.80 -21.17 -6.06
N ASP A 220 4.91 -20.54 -6.42
CA ASP A 220 5.15 -19.94 -7.73
C ASP A 220 4.57 -18.56 -8.00
N ILE A 221 3.92 -17.96 -7.01
CA ILE A 221 3.40 -16.61 -7.19
C ILE A 221 4.55 -15.69 -6.78
N ASP A 222 4.91 -14.73 -7.61
CA ASP A 222 6.00 -13.81 -7.30
C ASP A 222 5.65 -13.06 -6.00
N ILE A 223 6.49 -13.21 -4.99
CA ILE A 223 6.24 -12.55 -3.71
C ILE A 223 6.39 -11.03 -3.86
N ASN A 224 7.14 -10.62 -4.87
CA ASN A 224 7.38 -9.20 -5.15
C ASN A 224 6.15 -8.49 -5.72
N ARG A 225 5.14 -9.27 -6.09
CA ARG A 225 3.91 -8.72 -6.64
C ARG A 225 2.94 -8.46 -5.48
N LEU A 226 3.32 -8.88 -4.29
CA LEU A 226 2.49 -8.68 -3.11
C LEU A 226 2.99 -7.64 -2.12
N ILE A 227 2.05 -7.08 -1.38
CA ILE A 227 2.31 -6.07 -0.38
C ILE A 227 1.59 -6.52 0.89
N PHE A 228 2.30 -6.55 2.00
CA PHE A 228 1.70 -7.00 3.25
C PHE A 228 1.52 -5.87 4.25
N GLU A 229 0.31 -5.80 4.81
CA GLU A 229 0.01 -4.77 5.80
C GLU A 229 0.77 -5.09 7.08
N ALA A 230 1.48 -4.11 7.60
CA ALA A 230 2.27 -4.29 8.81
C ALA A 230 2.20 -3.03 9.65
N PRO A 231 1.04 -2.76 10.28
CA PRO A 231 0.81 -1.58 11.11
C PRO A 231 1.61 -1.48 12.42
N ASN A 232 2.40 -2.50 12.74
CA ASN A 232 3.20 -2.45 13.96
C ASN A 232 4.54 -3.15 13.80
N LYS A 233 5.45 -2.92 14.75
CA LYS A 233 6.79 -3.50 14.72
C LYS A 233 6.80 -5.03 14.60
N THR A 234 5.96 -5.69 15.37
CA THR A 234 5.90 -7.15 15.35
C THR A 234 5.64 -7.67 13.94
N LEU A 235 4.63 -7.11 13.27
CA LEU A 235 4.31 -7.55 11.92
C LEU A 235 5.43 -7.20 10.94
N GLN A 236 5.96 -5.99 11.04
CA GLN A 236 7.03 -5.52 10.17
C GLN A 236 8.26 -6.42 10.25
N GLN A 237 8.73 -6.68 11.47
CA GLN A 237 9.92 -7.52 11.64
C GLN A 237 9.67 -8.95 11.16
N GLY A 238 8.47 -9.46 11.40
CA GLY A 238 8.15 -10.80 10.95
C GLY A 238 8.24 -10.93 9.44
N PHE A 239 7.63 -9.99 8.72
CA PHE A 239 7.67 -10.04 7.26
C PHE A 239 9.08 -9.86 6.73
N ILE A 240 9.85 -8.98 7.35
CA ILE A 240 11.21 -8.76 6.93
C ILE A 240 12.03 -10.03 7.14
N GLN A 241 11.76 -10.71 8.26
CA GLN A 241 12.46 -11.96 8.57
C GLN A 241 12.14 -13.09 7.59
N LYS A 242 10.87 -13.23 7.21
CA LYS A 242 10.48 -14.30 6.30
C LYS A 242 10.80 -14.02 4.83
N ILE A 243 10.57 -12.79 4.39
CA ILE A 243 10.80 -12.44 3.00
C ILE A 243 12.12 -11.74 2.72
N GLY A 244 12.54 -10.87 3.63
CA GLY A 244 13.80 -10.17 3.41
C GLY A 244 13.67 -8.67 3.52
N PRO A 245 14.80 -7.95 3.46
CA PRO A 245 14.85 -6.48 3.56
C PRO A 245 14.03 -5.71 2.53
N ASN A 246 13.69 -6.37 1.43
CA ASN A 246 12.91 -5.72 0.38
C ASN A 246 11.50 -6.23 0.19
N VAL A 247 10.89 -6.66 1.29
CA VAL A 247 9.51 -7.11 1.26
C VAL A 247 8.71 -5.82 1.08
N ASN A 248 7.54 -5.91 0.46
CA ASN A 248 6.68 -4.74 0.25
C ASN A 248 5.70 -4.67 1.42
N LEU A 249 5.65 -3.53 2.10
CA LEU A 249 4.77 -3.37 3.26
C LEU A 249 3.86 -2.15 3.17
N ALA A 250 2.66 -2.28 3.74
CA ALA A 250 1.67 -1.21 3.73
C ALA A 250 1.13 -0.93 5.13
N ASN A 251 0.34 0.15 5.23
CA ASN A 251 -0.23 0.60 6.49
C ASN A 251 0.83 0.91 7.52
N ILE A 252 1.97 1.40 7.04
CA ILE A 252 3.05 1.78 7.92
C ILE A 252 2.68 3.11 8.55
N PRO A 253 2.68 3.20 9.89
CA PRO A 253 2.33 4.49 10.48
C PRO A 253 3.42 5.54 10.21
N PHE A 254 3.01 6.81 10.14
CA PHE A 254 3.95 7.89 9.89
C PHE A 254 5.11 7.91 10.87
N HIS A 255 4.85 7.58 12.13
CA HIS A 255 5.92 7.58 13.12
C HIS A 255 6.95 6.47 12.92
N ASP A 256 6.68 5.54 12.00
CA ASP A 256 7.63 4.44 11.73
C ASP A 256 8.45 4.63 10.44
N ALA A 257 8.33 5.81 9.81
CA ALA A 257 9.07 6.07 8.56
C ALA A 257 10.55 5.68 8.63
N ILE A 258 11.24 6.22 9.64
CA ILE A 258 12.65 5.93 9.87
C ILE A 258 12.82 4.57 10.53
N ALA A 259 11.99 4.29 11.54
CA ALA A 259 12.07 3.04 12.29
C ALA A 259 11.96 1.80 11.40
N LEU A 260 11.07 1.83 10.42
CA LEU A 260 10.91 0.68 9.53
C LEU A 260 12.20 0.46 8.75
N GLU A 261 12.79 1.55 8.26
CA GLU A 261 14.03 1.43 7.52
C GLU A 261 15.14 0.81 8.38
N THR A 262 15.16 1.09 9.68
CA THR A 262 16.19 0.51 10.53
C THR A 262 15.97 -0.99 10.66
N LEU A 263 14.70 -1.40 10.62
CA LEU A 263 14.39 -2.82 10.70
C LEU A 263 14.87 -3.52 9.43
N ARG A 264 14.62 -2.90 8.27
CA ARG A 264 15.05 -3.49 7.00
C ARG A 264 16.56 -3.62 6.93
N LEU A 265 17.28 -2.67 7.54
CA LEU A 265 18.73 -2.67 7.52
C LEU A 265 19.40 -3.41 8.68
N GLY A 266 18.59 -4.00 9.57
CA GLY A 266 19.17 -4.71 10.69
C GLY A 266 19.82 -3.76 11.68
N LEU A 267 19.33 -2.51 11.73
CA LEU A 267 19.87 -1.50 12.62
C LEU A 267 19.05 -1.42 13.92
N ARG A 268 18.18 -2.40 14.11
CA ARG A 268 17.38 -2.49 15.31
C ARG A 268 17.48 -3.95 15.76
N SER A 269 17.45 -4.16 17.08
CA SER A 269 17.58 -5.48 17.67
C SER A 269 16.81 -6.62 16.98
N ASP A 270 15.54 -6.38 16.70
CA ASP A 270 14.66 -7.39 16.08
C ASP A 270 15.15 -8.04 14.79
N THR A 271 15.97 -7.34 14.02
CA THR A 271 16.47 -7.87 12.76
C THR A 271 17.98 -7.71 12.68
N PHE A 272 18.58 -7.48 13.83
CA PHE A 272 20.02 -7.27 13.96
C PHE A 272 20.86 -8.19 13.06
N PHE A 273 20.56 -9.49 13.10
CA PHE A 273 21.31 -10.47 12.32
C PHE A 273 20.73 -10.76 10.93
P PO4 B . -8.76 1.70 3.57
O1 PO4 B . -7.91 0.88 2.66
O2 PO4 B . -7.95 2.78 4.18
O3 PO4 B . -9.31 0.82 4.64
O4 PO4 B . -9.88 2.30 2.80
P PO4 C . 5.34 0.43 16.27
O1 PO4 C . 4.95 -0.91 16.79
O2 PO4 C . 6.70 0.36 15.69
O3 PO4 C . 5.32 1.41 17.37
O4 PO4 C . 4.37 0.84 15.22
C1 GOL D . -6.84 -1.57 6.42
O1 GOL D . -6.97 -2.11 4.90
C2 GOL D . -7.53 -0.49 6.96
O2 GOL D . -8.76 -0.84 7.37
C3 GOL D . -6.83 0.49 6.93
O3 GOL D . -5.60 1.41 6.65
C1 GOL E . 27.91 1.22 2.96
O1 GOL E . 28.27 -0.17 2.25
C2 GOL E . 26.70 1.54 3.60
O2 GOL E . 25.66 0.93 3.03
C3 GOL E . 26.92 2.29 4.53
O3 GOL E . 27.70 3.18 5.54
C1 GOL F . 6.63 4.95 -7.11
O1 GOL F . 6.61 5.82 -5.75
C2 GOL F . 6.83 3.57 -7.19
O2 GOL F . 7.49 3.10 -6.12
C3 GOL F . 6.35 3.16 -8.23
O3 GOL F . 5.61 3.15 -9.61
#